data_4PM9
#
_entry.id   4PM9
#
_cell.length_a   41.530
_cell.length_b   61.737
_cell.length_c   86.675
_cell.angle_alpha   90.00
_cell.angle_beta   90.00
_cell.angle_gamma   90.00
#
_symmetry.space_group_name_H-M   'P 21 21 21'
#
loop_
_entity.id
_entity.type
_entity.pdbx_description
1 polymer 'Beta-lactamase CTX-M-14'
2 non-polymer '(6R,7R)-3-(acetyloxymethyl)-7-[[(2Z)-2-(2-amino-1,3-thiazol-4-yl)-2-methoxyimino-ethanoyl]amino]-8-oxo-5-thia-1-azabicy clo[4.2.0]oct-2-ene-2-carboxylic acid'
3 water water
#
_entity_poly.entity_id   1
_entity_poly.type   'polypeptide(L)'
_entity_poly.pdbx_seq_one_letter_code
;TSAVQQKLAALEKSSGGRLGVALIDTADNTQVLYRGDERFPMCGTSKVMAAAAVLKQSETQKQLLNQPVEIKPADLVNYN
PIAEKHVNGTMTLAELSAAALQYSDNTAMNKLIAQLGGPGGVTAFARAIGDETFRLDRTEPTLNTAIPGDPRDTTTPRAM
AQTLRQLTLGHALGETQRAQLVTWLKGNTTGAASIRAGLPTSWTVGDKTGAGDYGTTNDIAVIWPQGRAPLVLVTYFTQP
QQNAESRADVLASAARIIAEGL
;
_entity_poly.pdbx_strand_id   A
#
loop_
_chem_comp.id
_chem_comp.type
_chem_comp.name
_chem_comp.formula
CE3 non-polymer '(6R,7R)-3-(acetyloxymethyl)-7-[[(2Z)-2-(2-amino-1,3-thiazol-4-yl)-2-methoxyimino-ethanoyl]amino]-8-oxo-5-thia-1-azabicy clo[4.2.0]oct-2-ene-2-carboxylic acid' 'C16 H17 N5 O7 S2'
#
# COMPACT_ATOMS: atom_id res chain seq x y z
N THR A 1 -13.89 -21.14 -11.51
CA THR A 1 -12.69 -20.83 -10.73
C THR A 1 -11.50 -21.69 -11.14
N SER A 2 -10.30 -21.13 -11.01
CA SER A 2 -9.09 -21.87 -11.32
C SER A 2 -8.51 -22.52 -10.05
N ALA A 3 -7.53 -23.40 -10.24
CA ALA A 3 -6.86 -24.03 -9.12
C ALA A 3 -6.22 -22.99 -8.20
N VAL A 4 -5.77 -21.87 -8.75
CA VAL A 4 -5.19 -20.81 -7.93
C VAL A 4 -6.25 -20.25 -6.99
N GLN A 5 -7.41 -19.92 -7.54
CA GLN A 5 -8.51 -19.37 -6.74
C GLN A 5 -8.99 -20.38 -5.71
N GLN A 6 -8.98 -21.66 -6.05
CA GLN A 6 -9.41 -22.70 -5.12
C GLN A 6 -8.45 -22.81 -3.93
N LYS A 7 -7.16 -22.71 -4.21
CA LYS A 7 -6.16 -22.72 -3.14
C LYS A 7 -6.31 -21.49 -2.24
N LEU A 8 -6.59 -20.33 -2.82
CA LEU A 8 -6.80 -19.13 -2.04
C LEU A 8 -8.04 -19.25 -1.17
N ALA A 9 -9.10 -19.84 -1.70
CA ALA A 9 -10.31 -20.08 -0.92
C ALA A 9 -10.02 -20.98 0.27
N ALA A 10 -9.20 -22.01 0.06
CA ALA A 10 -8.86 -22.91 1.14
C ALA A 10 -8.04 -22.20 2.22
N LEU A 11 -7.12 -21.33 1.80
CA LEU A 11 -6.33 -20.54 2.73
C LEU A 11 -7.24 -19.65 3.55
N GLU A 12 -8.18 -18.99 2.87
CA GLU A 12 -9.15 -18.13 3.55
C GLU A 12 -9.92 -18.90 4.62
N LYS A 13 -10.43 -20.08 4.24
CA LYS A 13 -11.23 -20.89 5.15
C LYS A 13 -10.44 -21.22 6.41
N SER A 14 -9.19 -21.63 6.23
CA SER A 14 -8.35 -21.98 7.37
C SER A 14 -7.98 -20.78 8.24
N SER A 15 -8.01 -19.58 7.67
CA SER A 15 -7.58 -18.37 8.36
C SER A 15 -8.65 -17.80 9.27
N GLY A 16 -9.90 -18.13 8.97
CA GLY A 16 -11.03 -17.60 9.71
C GLY A 16 -11.45 -16.20 9.32
N GLY A 17 -10.73 -15.58 8.39
CA GLY A 17 -11.04 -14.22 7.99
C GLY A 17 -11.50 -14.05 6.55
N ARG A 18 -11.35 -12.84 6.03
CA ARG A 18 -11.75 -12.51 4.66
C ARG A 18 -10.52 -12.04 3.91
N LEU A 19 -10.24 -12.71 2.81
CA LEU A 19 -9.02 -12.53 2.05
C LEU A 19 -9.34 -11.97 0.67
N GLY A 20 -8.59 -10.94 0.26
CA GLY A 20 -8.73 -10.36 -1.06
C GLY A 20 -7.38 -10.35 -1.76
N VAL A 21 -7.34 -10.87 -2.99
CA VAL A 21 -6.10 -10.96 -3.76
C VAL A 21 -6.31 -10.46 -5.19
N ALA A 22 -5.33 -9.74 -5.72
CA ALA A 22 -5.28 -9.43 -7.13
C ALA A 22 -3.84 -9.53 -7.61
N LEU A 23 -3.62 -10.37 -8.63
CA LEU A 23 -2.34 -10.48 -9.29
C LEU A 23 -2.51 -9.97 -10.72
N ILE A 24 -1.61 -9.09 -11.13
CA ILE A 24 -1.52 -8.73 -12.54
C ILE A 24 -0.19 -9.26 -13.08
N ASP A 25 -0.28 -10.05 -14.14
CA ASP A 25 0.91 -10.59 -14.79
C ASP A 25 1.16 -9.79 -16.06
N THR A 26 2.21 -9.00 -16.09
CA THR A 26 2.47 -8.12 -17.22
C THR A 26 3.00 -8.84 -18.45
N ALA A 27 3.32 -10.13 -18.30
CA ALA A 27 3.80 -10.93 -19.43
C ALA A 27 2.72 -11.11 -20.51
N ASP A 28 1.48 -11.31 -20.08
CA ASP A 28 0.35 -11.46 -21.00
C ASP A 28 -0.83 -10.59 -20.57
N ASN A 29 -0.58 -9.68 -19.62
CA ASN A 29 -1.60 -8.75 -19.15
C ASN A 29 -2.85 -9.45 -18.62
N THR A 30 -2.67 -10.59 -17.98
CA THR A 30 -3.77 -11.30 -17.34
C THR A 30 -3.87 -10.94 -15.85
N GLN A 31 -5.02 -11.25 -15.27
CA GLN A 31 -5.28 -10.97 -13.86
C GLN A 31 -5.82 -12.21 -13.18
N VAL A 32 -5.36 -12.48 -11.96
CA VAL A 32 -5.95 -13.49 -11.10
C VAL A 32 -6.53 -12.78 -9.88
N LEU A 33 -7.83 -12.97 -9.66
CA LEU A 33 -8.56 -12.26 -8.60
C LEU A 33 -9.19 -13.22 -7.61
N TYR A 34 -9.16 -12.84 -6.34
CA TYR A 34 -9.96 -13.52 -5.33
C TYR A 34 -10.63 -12.44 -4.50
N ARG A 35 -11.97 -12.42 -4.48
CA ARG A 35 -12.74 -11.30 -3.93
C ARG A 35 -12.21 -9.97 -4.49
N GLY A 36 -11.90 -9.99 -5.78
CA GLY A 36 -11.21 -8.89 -6.42
C GLY A 36 -11.97 -7.59 -6.48
N ASP A 37 -13.29 -7.67 -6.42
CA ASP A 37 -14.15 -6.49 -6.51
C ASP A 37 -14.87 -6.19 -5.20
N GLU A 38 -14.43 -6.83 -4.12
CA GLU A 38 -14.92 -6.50 -2.78
C GLU A 38 -14.06 -5.41 -2.17
N ARG A 39 -14.68 -4.54 -1.39
CA ARG A 39 -13.93 -3.50 -0.72
C ARG A 39 -13.30 -4.03 0.55
N PHE A 40 -12.07 -3.57 0.80
CA PHE A 40 -11.30 -3.87 2.01
C PHE A 40 -10.73 -2.57 2.57
N PRO A 41 -10.56 -2.52 3.88
CA PRO A 41 -9.86 -1.37 4.47
C PRO A 41 -8.39 -1.36 4.03
N MET A 42 -7.92 -0.25 3.48
CA MET A 42 -6.54 -0.15 2.99
C MET A 42 -5.48 -0.06 4.08
N CYS A 43 -5.84 0.58 5.19
CA CYS A 43 -4.86 0.98 6.19
C CYS A 43 -3.63 1.60 5.51
N GLY A 44 -2.44 1.26 5.98
CA GLY A 44 -1.23 1.89 5.46
C GLY A 44 -0.89 1.69 4.00
N THR A 45 -1.58 0.77 3.32
CA THR A 45 -1.31 0.64 1.90
C THR A 45 -1.75 1.91 1.16
N SER A 46 -2.61 2.70 1.81
CA SER A 46 -3.05 3.98 1.24
C SER A 46 -1.91 5.01 1.17
N LYS A 47 -0.83 4.79 1.91
CA LYS A 47 0.30 5.70 1.91
C LYS A 47 0.97 5.79 0.54
N VAL A 48 0.86 4.74 -0.27
CA VAL A 48 1.38 4.78 -1.62
C VAL A 48 0.67 5.85 -2.45
N MET A 49 -0.65 5.94 -2.34
CA MET A 49 -1.39 6.94 -3.08
C MET A 49 -1.03 8.36 -2.64
N ALA A 50 -0.86 8.56 -1.33
CA ALA A 50 -0.51 9.89 -0.84
C ALA A 50 0.89 10.32 -1.30
N ALA A 51 1.87 9.42 -1.19
CA ALA A 51 3.22 9.72 -1.66
C ALA A 51 3.23 9.97 -3.16
N ALA A 52 2.51 9.14 -3.90
CA ALA A 52 2.42 9.33 -5.36
C ALA A 52 1.80 10.68 -5.72
N ALA A 53 0.79 11.10 -4.95
CA ALA A 53 0.12 12.38 -5.25
C ALA A 53 1.08 13.54 -5.09
N VAL A 54 1.94 13.48 -4.07
CA VAL A 54 2.96 14.49 -3.86
C VAL A 54 4.02 14.43 -4.95
N LEU A 55 4.43 13.23 -5.34
CA LEU A 55 5.32 13.10 -6.48
C LEU A 55 4.73 13.75 -7.73
N LYS A 56 3.44 13.51 -7.98
CA LYS A 56 2.76 14.15 -9.11
C LYS A 56 2.85 15.68 -9.04
N GLN A 57 2.57 16.24 -7.87
CA GLN A 57 2.71 17.69 -7.69
C GLN A 57 4.12 18.18 -8.04
N SER A 58 5.13 17.40 -7.67
CA SER A 58 6.53 17.80 -7.90
C SER A 58 6.92 17.81 -9.37
N GLU A 59 6.07 17.25 -10.23
CA GLU A 59 6.36 17.26 -11.67
C GLU A 59 6.32 18.68 -12.22
N THR A 60 5.52 19.54 -11.58
CA THR A 60 5.42 20.93 -12.00
C THR A 60 6.03 21.90 -10.99
N GLN A 61 6.20 21.45 -9.75
CA GLN A 61 6.93 22.22 -8.73
C GLN A 61 8.21 21.46 -8.43
N LYS A 62 9.27 21.71 -9.18
CA LYS A 62 10.40 20.79 -9.19
C LYS A 62 11.25 20.76 -7.92
N GLN A 63 11.06 21.74 -7.05
CA GLN A 63 11.78 21.77 -5.77
C GLN A 63 10.93 21.27 -4.60
N LEU A 64 9.70 20.84 -4.88
CA LEU A 64 8.74 20.50 -3.83
C LEU A 64 9.25 19.44 -2.84
N LEU A 65 9.88 18.39 -3.35
CA LEU A 65 10.35 17.33 -2.47
C LEU A 65 11.35 17.84 -1.44
N ASN A 66 12.02 18.94 -1.75
CA ASN A 66 13.03 19.51 -0.85
C ASN A 66 12.45 20.44 0.20
N GLN A 67 11.14 20.69 0.14
CA GLN A 67 10.50 21.66 1.03
C GLN A 67 10.42 21.15 2.46
N PRO A 68 11.03 21.87 3.42
CA PRO A 68 10.89 21.43 4.81
C PRO A 68 9.50 21.71 5.36
N VAL A 69 8.98 20.75 6.12
CA VAL A 69 7.68 20.87 6.77
C VAL A 69 7.86 20.75 8.27
N GLU A 70 7.28 21.68 9.04
CA GLU A 70 7.44 21.66 10.49
C GLU A 70 6.71 20.47 11.15
N ILE A 71 7.39 19.85 12.11
CA ILE A 71 6.78 18.81 12.94
C ILE A 71 6.63 19.39 14.35
N LYS A 72 5.38 19.57 14.78
CA LYS A 72 5.12 20.08 16.13
C LYS A 72 4.78 18.93 17.06
N PRO A 73 5.00 19.12 18.38
CA PRO A 73 4.63 18.07 19.32
C PRO A 73 3.19 17.57 19.10
N ALA A 74 2.27 18.48 18.83
CA ALA A 74 0.86 18.12 18.68
C ALA A 74 0.58 17.30 17.43
N ASP A 75 1.55 17.21 16.52
CA ASP A 75 1.37 16.45 15.29
C ASP A 75 1.49 14.95 15.51
N LEU A 76 2.17 14.54 16.59
CA LEU A 76 2.42 13.11 16.78
C LEU A 76 1.14 12.33 17.04
N VAL A 77 1.05 11.17 16.38
CA VAL A 77 -0.10 10.29 16.55
C VAL A 77 0.34 8.98 17.22
N ASN A 78 -0.14 7.83 16.74
CA ASN A 78 0.06 6.58 17.47
C ASN A 78 1.32 5.80 17.11
N TYR A 79 1.97 6.16 16.01
CA TYR A 79 3.16 5.44 15.54
C TYR A 79 3.99 6.39 14.69
N ASN A 80 5.08 6.89 15.27
CA ASN A 80 5.83 8.00 14.71
C ASN A 80 7.34 7.73 14.80
N PRO A 81 7.80 6.59 14.28
CA PRO A 81 9.20 6.17 14.50
C PRO A 81 10.22 7.19 13.98
N ILE A 82 9.89 7.86 12.89
CA ILE A 82 10.83 8.82 12.30
C ILE A 82 10.47 10.25 12.71
N ALA A 83 9.18 10.59 12.63
CA ALA A 83 8.75 11.95 12.96
C ALA A 83 9.07 12.35 14.41
N GLU A 84 9.09 11.39 15.33
CA GLU A 84 9.37 11.72 16.72
C GLU A 84 10.79 12.27 16.90
N LYS A 85 11.67 11.93 15.97
CA LYS A 85 13.06 12.42 15.99
C LYS A 85 13.19 13.85 15.46
N HIS A 86 12.07 14.44 15.04
CA HIS A 86 12.08 15.78 14.45
C HIS A 86 11.05 16.70 15.05
N VAL A 87 10.58 16.38 16.25
CA VAL A 87 9.67 17.27 16.98
C VAL A 87 10.33 18.62 17.22
N ASN A 88 9.58 19.69 16.97
CA ASN A 88 10.11 21.05 16.99
C ASN A 88 11.20 21.26 15.95
N GLY A 89 11.19 20.42 14.92
CA GLY A 89 12.11 20.52 13.80
C GLY A 89 11.32 20.36 12.51
N THR A 90 11.93 19.76 11.51
CA THR A 90 11.30 19.65 10.20
C THR A 90 11.63 18.32 9.55
N MET A 91 10.81 17.97 8.56
CA MET A 91 11.14 16.92 7.60
C MET A 91 10.70 17.43 6.23
N THR A 92 11.51 17.18 5.21
CA THR A 92 11.14 17.59 3.86
C THR A 92 10.04 16.66 3.34
N LEU A 93 9.36 17.09 2.28
CA LEU A 93 8.37 16.19 1.67
C LEU A 93 8.98 14.86 1.20
N ALA A 94 10.22 14.87 0.71
CA ALA A 94 10.91 13.60 0.40
C ALA A 94 11.11 12.76 1.65
N GLU A 95 11.56 13.37 2.74
CA GLU A 95 11.77 12.65 3.99
C GLU A 95 10.46 12.11 4.57
N LEU A 96 9.39 12.91 4.47
CA LEU A 96 8.08 12.44 4.90
C LEU A 96 7.61 11.26 4.05
N SER A 97 7.84 11.33 2.75
CA SER A 97 7.45 10.24 1.87
C SER A 97 8.21 8.96 2.20
N ALA A 98 9.52 9.08 2.36
CA ALA A 98 10.33 7.92 2.73
C ALA A 98 9.89 7.34 4.07
N ALA A 99 9.60 8.18 5.05
CA ALA A 99 9.21 7.71 6.37
C ALA A 99 7.84 7.03 6.31
N ALA A 100 6.91 7.64 5.60
CA ALA A 100 5.57 7.06 5.48
C ALA A 100 5.64 5.71 4.77
N LEU A 101 6.42 5.65 3.69
CA LEU A 101 6.48 4.41 2.89
C LEU A 101 7.36 3.33 3.49
N GLN A 102 8.53 3.71 3.99
CA GLN A 102 9.53 2.72 4.38
C GLN A 102 9.44 2.30 5.84
N TYR A 103 8.84 3.15 6.68
CA TYR A 103 8.67 2.85 8.10
C TYR A 103 7.20 2.83 8.53
N SER A 104 6.30 3.18 7.61
CA SER A 104 4.88 3.25 7.96
CA SER A 104 4.87 3.33 7.88
C SER A 104 4.59 4.30 9.03
N ASP A 105 5.36 5.39 9.02
CA ASP A 105 5.18 6.46 9.99
C ASP A 105 3.85 7.16 9.75
N ASN A 106 3.02 7.21 10.79
CA ASN A 106 1.68 7.76 10.67
C ASN A 106 1.64 9.30 10.70
N THR A 107 2.58 9.91 11.43
CA THR A 107 2.67 11.36 11.42
C THR A 107 3.11 11.82 10.04
N ALA A 108 4.07 11.12 9.46
CA ALA A 108 4.52 11.45 8.11
C ALA A 108 3.36 11.39 7.10
N MET A 109 2.54 10.35 7.20
CA MET A 109 1.37 10.25 6.34
C MET A 109 0.45 11.47 6.51
N ASN A 110 0.21 11.89 7.75
CA ASN A 110 -0.65 13.06 7.97
C ASN A 110 -0.10 14.32 7.32
N LYS A 111 1.22 14.48 7.30
CA LYS A 111 1.80 15.62 6.60
C LYS A 111 1.61 15.52 5.09
N LEU A 112 1.72 14.33 4.53
CA LEU A 112 1.45 14.17 3.10
C LEU A 112 -0.01 14.52 2.80
N ILE A 113 -0.93 14.03 3.63
CA ILE A 113 -2.34 14.32 3.45
C ILE A 113 -2.59 15.83 3.50
N ALA A 114 -2.00 16.50 4.49
CA ALA A 114 -2.16 17.95 4.62
C ALA A 114 -1.64 18.68 3.38
N GLN A 115 -0.50 18.24 2.86
CA GLN A 115 0.09 18.87 1.67
C GLN A 115 -0.86 18.80 0.49
N LEU A 116 -1.70 17.76 0.48
CA LEU A 116 -2.65 17.54 -0.60
C LEU A 116 -4.02 18.18 -0.34
N GLY A 117 -4.14 18.89 0.78
CA GLY A 117 -5.37 19.58 1.11
C GLY A 117 -6.39 18.73 1.87
N GLY A 118 -5.96 17.58 2.37
CA GLY A 118 -6.84 16.68 3.11
C GLY A 118 -7.03 15.34 2.41
N PRO A 119 -7.74 14.41 3.06
CA PRO A 119 -7.99 13.10 2.45
C PRO A 119 -8.61 13.21 1.05
N GLY A 120 -9.48 14.18 0.83
CA GLY A 120 -10.10 14.36 -0.48
C GLY A 120 -9.10 14.70 -1.58
N GLY A 121 -7.98 15.29 -1.21
CA GLY A 121 -6.94 15.60 -2.18
C GLY A 121 -6.22 14.33 -2.65
N VAL A 122 -6.09 13.37 -1.74
CA VAL A 122 -5.51 12.09 -2.12
C VAL A 122 -6.46 11.35 -3.07
N THR A 123 -7.76 11.39 -2.74
CA THR A 123 -8.77 10.75 -3.56
C THR A 123 -8.83 11.40 -4.94
N ALA A 124 -8.72 12.72 -4.98
CA ALA A 124 -8.72 13.45 -6.24
C ALA A 124 -7.57 13.01 -7.15
N PHE A 125 -6.39 12.81 -6.58
CA PHE A 125 -5.27 12.29 -7.35
C PHE A 125 -5.58 10.90 -7.90
N ALA A 126 -6.15 10.05 -7.06
CA ALA A 126 -6.54 8.72 -7.51
C ALA A 126 -7.44 8.82 -8.74
N ARG A 127 -8.43 9.68 -8.69
CA ARG A 127 -9.35 9.84 -9.82
C ARG A 127 -8.60 10.31 -11.07
N ALA A 128 -7.66 11.24 -10.89
CA ALA A 128 -6.89 11.78 -12.02
C ALA A 128 -6.07 10.72 -12.74
N ILE A 129 -5.64 9.67 -12.03
CA ILE A 129 -4.89 8.60 -12.66
C ILE A 129 -5.75 7.38 -13.02
N GLY A 130 -7.06 7.57 -12.96
CA GLY A 130 -7.98 6.58 -13.50
C GLY A 130 -8.46 5.55 -12.50
N ASP A 131 -8.16 5.78 -11.23
CA ASP A 131 -8.64 4.90 -10.18
C ASP A 131 -9.97 5.47 -9.68
N GLU A 132 -11.06 4.77 -10.01
CA GLU A 132 -12.41 5.22 -9.68
C GLU A 132 -12.94 4.58 -8.40
N THR A 133 -12.11 3.82 -7.72
CA THR A 133 -12.55 2.96 -6.62
C THR A 133 -11.97 3.40 -5.26
N PHE A 134 -10.69 3.69 -5.24
CA PHE A 134 -9.99 4.20 -4.06
C PHE A 134 -10.75 5.35 -3.40
N ARG A 135 -10.86 5.31 -2.08
CA ARG A 135 -11.32 6.50 -1.38
C ARG A 135 -10.59 6.66 -0.04
N LEU A 136 -10.02 7.84 0.18
CA LEU A 136 -9.47 8.20 1.48
C LEU A 136 -10.38 9.25 2.11
N ASP A 137 -10.85 8.95 3.33
CA ASP A 137 -11.85 9.75 4.01
C ASP A 137 -11.32 10.38 5.29
N ARG A 138 -10.33 9.74 5.92
CA ARG A 138 -9.85 10.16 7.22
C ARG A 138 -8.32 10.29 7.25
N THR A 139 -7.83 10.90 8.32
CA THR A 139 -6.40 11.00 8.59
C THR A 139 -5.95 9.85 9.49
N GLU A 140 -4.66 9.82 9.82
CA GLU A 140 -4.16 8.86 10.79
C GLU A 140 -4.49 9.34 12.19
N PRO A 141 -4.86 8.43 13.10
CA PRO A 141 -4.86 6.97 12.91
C PRO A 141 -6.24 6.40 12.57
N THR A 142 -7.28 7.24 12.50
CA THR A 142 -8.62 6.69 12.37
C THR A 142 -8.88 6.02 11.03
N LEU A 143 -8.07 6.31 10.02
CA LEU A 143 -8.28 5.66 8.73
C LEU A 143 -8.05 4.14 8.81
N ASN A 144 -7.47 3.66 9.91
CA ASN A 144 -7.23 2.23 10.10
C ASN A 144 -8.24 1.49 10.99
N THR A 145 -9.39 2.11 11.26
CA THR A 145 -10.38 1.47 12.13
C THR A 145 -10.90 0.14 11.54
N ALA A 146 -10.98 0.06 10.22
CA ALA A 146 -11.27 -1.20 9.54
C ALA A 146 -12.58 -1.83 9.98
N ILE A 147 -13.60 -1.00 10.19
CA ILE A 147 -14.90 -1.51 10.63
C ILE A 147 -15.55 -2.32 9.52
N PRO A 148 -16.02 -3.54 9.84
CA PRO A 148 -16.70 -4.36 8.82
C PRO A 148 -17.84 -3.60 8.12
N GLY A 149 -17.81 -3.56 6.79
CA GLY A 149 -18.86 -2.91 6.03
C GLY A 149 -18.71 -1.41 5.81
N ASP A 150 -17.80 -0.79 6.55
CA ASP A 150 -17.56 0.64 6.43
C ASP A 150 -16.83 0.94 5.11
N PRO A 151 -17.44 1.73 4.23
CA PRO A 151 -16.77 2.01 2.95
C PRO A 151 -15.64 3.03 3.06
N ARG A 152 -15.52 3.73 4.18
CA ARG A 152 -14.45 4.73 4.34
C ARG A 152 -13.06 4.10 4.25
N ASP A 153 -12.17 4.76 3.53
CA ASP A 153 -10.76 4.37 3.49
C ASP A 153 -10.59 2.95 2.95
N THR A 154 -11.36 2.63 1.92
CA THR A 154 -11.31 1.31 1.29
C THR A 154 -10.99 1.38 -0.19
N THR A 155 -10.61 0.23 -0.74
CA THR A 155 -10.58 0.03 -2.16
C THR A 155 -10.77 -1.45 -2.41
N THR A 156 -10.72 -1.86 -3.68
CA THR A 156 -10.80 -3.28 -3.99
C THR A 156 -9.42 -3.79 -4.41
N PRO A 157 -9.19 -5.10 -4.29
CA PRO A 157 -7.88 -5.59 -4.74
C PRO A 157 -7.63 -5.32 -6.22
N ARG A 158 -8.63 -5.53 -7.08
CA ARG A 158 -8.43 -5.24 -8.50
C ARG A 158 -8.00 -3.79 -8.72
N ALA A 159 -8.69 -2.84 -8.11
CA ALA A 159 -8.39 -1.44 -8.33
C ALA A 159 -7.02 -1.06 -7.83
N MET A 160 -6.66 -1.56 -6.65
CA MET A 160 -5.34 -1.23 -6.11
C MET A 160 -4.20 -1.86 -6.91
N ALA A 161 -4.42 -3.06 -7.44
CA ALA A 161 -3.40 -3.69 -8.27
C ALA A 161 -3.20 -2.88 -9.56
N GLN A 162 -4.31 -2.50 -10.19
CA GLN A 162 -4.23 -1.72 -11.42
C GLN A 162 -3.51 -0.39 -11.17
N THR A 163 -3.84 0.28 -10.09
CA THR A 163 -3.19 1.54 -9.77
C THR A 163 -1.70 1.36 -9.43
N LEU A 164 -1.38 0.33 -8.65
CA LEU A 164 0.02 0.11 -8.32
C LEU A 164 0.83 -0.15 -9.59
N ARG A 165 0.25 -0.92 -10.52
CA ARG A 165 0.91 -1.13 -11.82
C ARG A 165 1.14 0.19 -12.54
N GLN A 166 0.11 1.03 -12.62
CA GLN A 166 0.24 2.30 -13.32
C GLN A 166 1.28 3.23 -12.70
N LEU A 167 1.38 3.20 -11.38
CA LEU A 167 2.31 4.07 -10.66
C LEU A 167 3.78 3.64 -10.78
N THR A 168 4.02 2.33 -10.91
CA THR A 168 5.39 1.81 -10.83
C THR A 168 5.94 1.29 -12.15
N LEU A 169 5.12 0.58 -12.92
CA LEU A 169 5.56 0.02 -14.17
C LEU A 169 5.05 0.86 -15.34
N GLY A 170 3.88 1.47 -15.15
CA GLY A 170 3.26 2.34 -16.13
C GLY A 170 3.70 3.77 -15.98
N HIS A 171 2.91 4.69 -16.51
CA HIS A 171 3.32 6.09 -16.59
C HIS A 171 2.31 7.07 -16.01
N ALA A 172 1.64 6.67 -14.95
CA ALA A 172 0.81 7.60 -14.20
C ALA A 172 1.67 8.74 -13.61
N LEU A 173 2.94 8.46 -13.34
CA LEU A 173 3.89 9.46 -12.87
C LEU A 173 4.96 9.70 -13.93
N GLY A 174 5.64 10.84 -13.84
CA GLY A 174 6.77 11.12 -14.71
C GLY A 174 7.90 10.16 -14.46
N GLU A 175 8.87 10.11 -15.38
CA GLU A 175 9.93 9.12 -15.32
C GLU A 175 10.74 9.15 -14.01
N THR A 176 11.17 10.35 -13.60
CA THR A 176 11.95 10.46 -12.37
C THR A 176 11.10 10.09 -11.16
N GLN A 177 9.82 10.46 -11.18
CA GLN A 177 8.93 10.25 -10.05
C GLN A 177 8.59 8.77 -9.91
N ARG A 178 8.36 8.11 -11.03
CA ARG A 178 8.12 6.68 -11.07
C ARG A 178 9.31 5.94 -10.46
N ALA A 179 10.50 6.30 -10.89
CA ALA A 179 11.71 5.67 -10.39
C ALA A 179 11.87 5.93 -8.89
N GLN A 180 11.57 7.15 -8.45
CA GLN A 180 11.66 7.47 -7.04
C GLN A 180 10.70 6.62 -6.21
N LEU A 181 9.47 6.44 -6.69
CA LEU A 181 8.51 5.63 -5.96
C LEU A 181 9.00 4.19 -5.88
N VAL A 182 9.50 3.65 -6.98
CA VAL A 182 10.04 2.29 -7.00
C VAL A 182 11.20 2.14 -6.02
N THR A 183 12.10 3.12 -6.00
CA THR A 183 13.21 3.10 -5.04
C THR A 183 12.70 3.06 -3.61
N TRP A 184 11.73 3.90 -3.29
CA TRP A 184 11.16 3.89 -1.94
C TRP A 184 10.54 2.53 -1.59
N LEU A 185 9.71 1.99 -2.48
CA LEU A 185 9.06 0.71 -2.22
C LEU A 185 10.05 -0.44 -2.05
N LYS A 186 11.09 -0.45 -2.89
CA LYS A 186 12.13 -1.49 -2.79
C LYS A 186 12.83 -1.46 -1.44
N GLY A 187 12.99 -0.27 -0.85
CA GLY A 187 13.69 -0.13 0.43
C GLY A 187 12.82 -0.27 1.66
N ASN A 188 11.56 -0.67 1.48
CA ASN A 188 10.67 -0.82 2.63
C ASN A 188 11.26 -1.69 3.73
N THR A 189 11.03 -1.30 4.99
CA THR A 189 11.56 -2.05 6.14
C THR A 189 10.54 -2.91 6.86
N THR A 190 9.26 -2.81 6.49
CA THR A 190 8.19 -3.40 7.29
C THR A 190 7.58 -4.68 6.70
N GLY A 191 8.10 -5.13 5.57
CA GLY A 191 7.42 -6.18 4.82
C GLY A 191 8.01 -7.58 4.87
N ALA A 192 8.99 -7.82 5.73
CA ALA A 192 9.71 -9.08 5.68
C ALA A 192 8.86 -10.32 5.98
N ALA A 193 7.79 -10.16 6.75
CA ALA A 193 6.95 -11.30 7.10
C ALA A 193 5.72 -11.44 6.20
N SER A 194 5.56 -10.52 5.25
CA SER A 194 4.35 -10.48 4.44
C SER A 194 4.58 -11.09 3.05
N ILE A 195 4.24 -10.39 1.96
CA ILE A 195 4.42 -10.94 0.61
C ILE A 195 5.86 -11.47 0.40
N ARG A 196 6.87 -10.69 0.82
CA ARG A 196 8.26 -11.09 0.61
C ARG A 196 8.57 -12.48 1.16
N ALA A 197 7.94 -12.83 2.28
CA ALA A 197 8.21 -14.13 2.92
C ALA A 197 7.69 -15.31 2.10
N GLY A 198 6.77 -15.06 1.18
CA GLY A 198 6.23 -16.14 0.37
C GLY A 198 6.80 -16.24 -1.04
N LEU A 199 7.80 -15.42 -1.37
CA LEU A 199 8.39 -15.43 -2.70
C LEU A 199 9.83 -15.90 -2.66
N PRO A 200 10.32 -16.45 -3.78
CA PRO A 200 11.74 -16.82 -3.87
C PRO A 200 12.63 -15.63 -3.50
N THR A 201 13.72 -15.87 -2.78
CA THR A 201 14.53 -14.77 -2.28
C THR A 201 15.30 -14.04 -3.38
N SER A 202 15.39 -14.65 -4.55
CA SER A 202 16.09 -14.03 -5.67
C SER A 202 15.22 -12.98 -6.39
N TRP A 203 13.93 -12.99 -6.13
CA TRP A 203 13.04 -12.01 -6.74
C TRP A 203 13.17 -10.66 -6.05
N THR A 204 13.24 -9.60 -6.86
CA THR A 204 13.28 -8.25 -6.32
C THR A 204 11.86 -7.78 -6.06
N VAL A 205 11.64 -7.17 -4.90
CA VAL A 205 10.31 -6.77 -4.48
C VAL A 205 10.29 -5.35 -3.92
N GLY A 206 9.29 -4.57 -4.30
CA GLY A 206 8.98 -3.33 -3.62
C GLY A 206 7.60 -3.50 -3.04
N ASP A 207 7.40 -3.10 -1.78
CA ASP A 207 6.06 -3.31 -1.19
C ASP A 207 5.70 -2.22 -0.19
N LYS A 208 4.41 -2.17 0.12
CA LYS A 208 3.91 -1.35 1.22
C LYS A 208 2.87 -2.12 2.01
N THR A 209 3.13 -2.30 3.30
CA THR A 209 2.21 -2.98 4.20
C THR A 209 1.12 -2.05 4.76
N GLY A 210 0.16 -2.65 5.45
CA GLY A 210 -0.79 -1.89 6.25
C GLY A 210 -1.34 -2.79 7.32
N ALA A 211 -1.79 -2.19 8.42
CA ALA A 211 -2.39 -2.96 9.51
C ALA A 211 -3.40 -2.09 10.24
N GLY A 212 -4.42 -2.72 10.81
CA GLY A 212 -5.43 -1.96 11.53
C GLY A 212 -6.20 -2.84 12.47
N ASP A 213 -7.29 -2.30 13.00
CA ASP A 213 -8.19 -3.07 13.85
C ASP A 213 -8.80 -4.24 13.07
N TYR A 214 -9.53 -5.10 13.77
CA TYR A 214 -10.07 -6.31 13.15
C TYR A 214 -8.97 -7.17 12.55
N GLY A 215 -7.78 -7.13 13.16
CA GLY A 215 -6.67 -7.94 12.73
C GLY A 215 -6.32 -7.71 11.27
N THR A 216 -6.57 -6.50 10.79
CA THR A 216 -6.38 -6.22 9.38
C THR A 216 -4.91 -6.20 9.05
N THR A 217 -4.53 -6.96 8.04
CA THR A 217 -3.13 -7.17 7.70
C THR A 217 -3.04 -7.17 6.17
N ASN A 218 -2.32 -6.20 5.62
CA ASN A 218 -2.31 -5.93 4.18
C ASN A 218 -0.90 -5.80 3.63
N ASP A 219 -0.76 -6.01 2.32
CA ASP A 219 0.50 -5.78 1.64
C ASP A 219 0.20 -5.63 0.16
N ILE A 220 0.87 -4.66 -0.47
CA ILE A 220 0.81 -4.51 -1.93
C ILE A 220 2.24 -4.45 -2.45
N ALA A 221 2.49 -5.11 -3.58
CA ALA A 221 3.85 -5.29 -4.05
C ALA A 221 3.99 -5.23 -5.56
N VAL A 222 5.11 -4.68 -6.00
CA VAL A 222 5.57 -4.85 -7.37
C VAL A 222 6.77 -5.80 -7.31
N ILE A 223 6.77 -6.77 -8.23
CA ILE A 223 7.66 -7.92 -8.13
C ILE A 223 8.38 -8.14 -9.45
N TRP A 224 9.70 -8.30 -9.37
CA TRP A 224 10.51 -8.61 -10.54
C TRP A 224 11.13 -9.99 -10.38
N PRO A 225 10.49 -11.02 -10.96
CA PRO A 225 11.02 -12.38 -10.88
C PRO A 225 12.27 -12.51 -11.75
N GLN A 226 13.07 -13.54 -11.50
CA GLN A 226 14.29 -13.75 -12.27
C GLN A 226 13.99 -14.12 -13.72
N GLY A 227 14.39 -13.25 -14.64
CA GLY A 227 14.25 -13.52 -16.06
C GLY A 227 12.82 -13.61 -16.57
N ARG A 228 11.92 -12.83 -15.97
CA ARG A 228 10.54 -12.83 -16.41
C ARG A 228 9.90 -11.45 -16.22
N ALA A 229 8.81 -11.20 -16.95
CA ALA A 229 8.09 -9.93 -16.85
C ALA A 229 7.58 -9.72 -15.43
N PRO A 230 7.55 -8.45 -14.99
CA PRO A 230 7.13 -8.15 -13.61
C PRO A 230 5.66 -8.42 -13.34
N LEU A 231 5.37 -8.52 -12.05
CA LEU A 231 4.03 -8.80 -11.56
C LEU A 231 3.65 -7.71 -10.57
N VAL A 232 2.36 -7.50 -10.38
CA VAL A 232 1.86 -6.69 -9.28
C VAL A 232 0.93 -7.57 -8.45
N LEU A 233 1.06 -7.51 -7.13
CA LEU A 233 0.28 -8.37 -6.23
C LEU A 233 -0.27 -7.58 -5.06
N VAL A 234 -1.58 -7.67 -4.85
CA VAL A 234 -2.23 -7.07 -3.69
C VAL A 234 -2.80 -8.21 -2.84
N THR A 235 -2.50 -8.20 -1.55
CA THR A 235 -3.07 -9.15 -0.61
C THR A 235 -3.65 -8.40 0.59
N TYR A 236 -4.98 -8.45 0.72
CA TYR A 236 -5.69 -7.79 1.80
C TYR A 236 -6.34 -8.85 2.69
N PHE A 237 -6.27 -8.66 4.00
CA PHE A 237 -6.87 -9.63 4.91
C PHE A 237 -7.47 -8.93 6.13
N THR A 238 -8.69 -9.30 6.48
CA THR A 238 -9.32 -8.71 7.66
C THR A 238 -10.16 -9.76 8.37
N GLN A 239 -10.41 -9.58 9.67
CA GLN A 239 -10.95 -10.66 10.52
C GLN A 239 -12.20 -10.19 11.28
N PRO A 240 -12.98 -11.14 11.84
CA PRO A 240 -14.24 -10.79 12.50
C PRO A 240 -14.11 -10.08 13.86
N GLN A 241 -13.03 -10.35 14.60
CA GLN A 241 -12.89 -9.80 15.95
C GLN A 241 -12.15 -8.47 15.95
N GLN A 242 -12.71 -7.45 16.60
CA GLN A 242 -12.10 -6.14 16.58
C GLN A 242 -10.66 -6.16 17.08
N ASN A 243 -10.40 -7.05 18.03
CA ASN A 243 -9.09 -7.10 18.67
C ASN A 243 -8.21 -8.26 18.20
N ALA A 244 -8.50 -8.78 17.00
CA ALA A 244 -7.73 -9.89 16.45
C ALA A 244 -6.26 -9.50 16.25
N GLU A 245 -5.37 -10.46 16.39
CA GLU A 245 -3.95 -10.23 16.12
C GLU A 245 -3.67 -10.22 14.62
N SER A 246 -2.61 -9.53 14.24
CA SER A 246 -2.19 -9.50 12.84
C SER A 246 -1.81 -10.89 12.32
N ARG A 247 -1.97 -11.08 11.03
CA ARG A 247 -1.71 -12.38 10.40
C ARG A 247 -0.89 -12.21 9.12
N ALA A 248 0.32 -11.69 9.27
CA ALA A 248 1.20 -11.53 8.11
C ALA A 248 1.43 -12.87 7.40
N ASP A 249 1.40 -13.96 8.17
CA ASP A 249 1.63 -15.28 7.60
C ASP A 249 0.62 -15.63 6.52
N VAL A 250 -0.60 -15.12 6.67
CA VAL A 250 -1.64 -15.37 5.68
C VAL A 250 -1.28 -14.70 4.35
N LEU A 251 -0.71 -13.49 4.42
CA LEU A 251 -0.26 -12.81 3.21
C LEU A 251 0.90 -13.56 2.57
N ALA A 252 1.84 -14.04 3.38
CA ALA A 252 2.95 -14.86 2.89
C ALA A 252 2.43 -16.12 2.19
N SER A 253 1.44 -16.75 2.79
CA SER A 253 0.85 -17.95 2.20
C SER A 253 0.16 -17.63 0.86
N ALA A 254 -0.54 -16.52 0.79
CA ALA A 254 -1.21 -16.15 -0.45
C ALA A 254 -0.17 -15.90 -1.54
N ALA A 255 0.95 -15.27 -1.17
CA ALA A 255 2.02 -15.02 -2.13
C ALA A 255 2.64 -16.32 -2.62
N ARG A 256 2.83 -17.27 -1.70
CA ARG A 256 3.38 -18.58 -2.04
C ARG A 256 2.49 -19.30 -3.07
N ILE A 257 1.18 -19.22 -2.87
CA ILE A 257 0.21 -19.81 -3.78
C ILE A 257 0.33 -19.15 -5.16
N ILE A 258 0.26 -17.83 -5.16
CA ILE A 258 0.32 -17.05 -6.39
C ILE A 258 1.60 -17.28 -7.20
N ALA A 259 2.72 -17.50 -6.50
CA ALA A 259 4.02 -17.64 -7.15
C ALA A 259 4.20 -18.93 -7.94
N GLU A 260 3.41 -19.96 -7.61
CA GLU A 260 3.53 -21.24 -8.31
C GLU A 260 3.30 -21.04 -9.80
N GLY A 261 4.26 -21.49 -10.60
CA GLY A 261 4.14 -21.36 -12.05
C GLY A 261 4.79 -20.10 -12.60
N LEU A 262 4.90 -19.08 -11.77
CA LEU A 262 5.51 -17.82 -12.20
C LEU A 262 7.03 -17.85 -12.04
C CE3 B . 0.81 1.67 10.71
C1 CE3 B . -0.67 1.77 10.51
S CE3 B . 1.41 1.18 12.27
C2 CE3 B . 2.95 0.52 11.75
C3 CE3 B . 2.75 -0.54 10.72
C4 CE3 B . 1.90 -0.34 9.66
N CE3 B . 0.82 0.60 9.79
C5 CE3 B . -0.51 0.90 9.35
O CE3 B . -1.33 0.61 8.48
N1 CE3 B . -1.55 1.08 11.37
C6 CE3 B . -1.98 1.58 12.63
O2 CE3 B . -1.55 2.65 13.03
C7 CE3 B . -2.91 0.73 13.44
N2 CE3 B . -4.01 1.20 13.94
O1 CE3 B . -4.43 2.42 13.73
C8 CE3 B . -5.52 2.91 14.42
C14 CE3 B . -2.48 -0.66 13.70
N3 CE3 B . -1.24 -1.02 13.53
C15 CE3 B . -0.85 -2.26 13.78
N4 CE3 B . 0.44 -2.85 13.66
S1 CE3 B . -2.36 -3.00 14.28
C13 CE3 B . -3.39 -1.58 14.12
C9 CE3 B . 3.70 -1.70 10.71
O3 CE3 B . 4.18 -1.94 12.01
C10 CE3 B . 5.53 -2.25 12.16
O4 CE3 B . 6.24 -2.32 11.16
C11 CE3 B . 6.13 -2.41 13.53
C12 CE3 B . 2.07 -1.23 8.48
O5 CE3 B . 2.50 -0.74 7.41
O6 CE3 B . 1.81 -2.46 8.53
#